data_9Q9Q
#
_entry.id   9Q9Q
#
_cell.length_a   44.905
_cell.length_b   61.067
_cell.length_c   67.269
_cell.angle_alpha   90.000
_cell.angle_beta   99.152
_cell.angle_gamma   90.000
#
_symmetry.space_group_name_H-M   'P 1 21 1'
#
loop_
_entity.id
_entity.type
_entity.pdbx_description
1 polymer 'E3 ubiquitin-protein ligase TRIM21'
2 non-polymer (2~{S},4~{S})-1-[(3~{S})-3-azanyl-3-(furan-2-yl)propanoyl]-4-cyclohexyl-~{N}-[(2~{S})-1-(methylamino)-1-oxidanylidene-3-pyridin-4-yl-propan-2-yl]pyrrolidine-2-carboxamide
#
_entity_poly.entity_id   1
_entity_poly.type   'polypeptide(L)'
_entity_poly.pdbx_seq_one_letter_code
;MAHHHHHHMVHITLDPDTANPWLILSEDRRQVRLGDTQQSIPGNEERFDSYPMVLGAQHFHSGKHYWEVDVTGKEAWDLG
VCRDSVRRKGHFLLSSKSGFWTIWLWNKQKYEAGTYPQTPLHLQVPPCQVGIFLDYEAGMVSFYNITDHGSLIYSFSECA
FTGPLRPFFSPGFNDGGKNTAPLTLCPLNIGSQGSTDY
;
_entity_poly.pdbx_strand_id   B,A
#
# COMPACT_ATOMS: atom_id res chain seq x y z
N HIS A 6 11.12 -3.40 0.51
CA HIS A 6 12.50 -3.96 0.33
C HIS A 6 12.69 -5.13 1.29
N HIS A 7 13.89 -5.68 1.29
CA HIS A 7 14.25 -6.95 1.96
C HIS A 7 14.85 -6.60 3.34
N HIS A 8 15.64 -5.52 3.41
CA HIS A 8 16.25 -4.98 4.65
C HIS A 8 15.19 -4.56 5.69
N MET A 9 13.91 -4.90 5.49
CA MET A 9 12.76 -4.59 6.39
C MET A 9 13.12 -4.83 7.87
N VAL A 10 12.40 -4.15 8.78
CA VAL A 10 12.62 -4.18 10.25
C VAL A 10 11.28 -3.95 10.96
N HIS A 11 10.98 -4.81 11.95
CA HIS A 11 9.70 -4.79 12.72
C HIS A 11 9.85 -3.81 13.89
N ILE A 12 9.15 -2.70 13.81
CA ILE A 12 9.42 -1.63 14.77
C ILE A 12 8.23 -1.60 15.71
N THR A 13 8.57 -1.45 17.01
CA THR A 13 7.63 -1.19 18.12
C THR A 13 8.02 0.13 18.78
N LEU A 14 6.98 0.94 19.05
CA LEU A 14 6.93 2.21 19.84
C LEU A 14 7.25 1.99 21.33
N ASP A 15 8.31 2.64 21.82
CA ASP A 15 8.75 2.63 23.25
C ASP A 15 7.88 3.61 24.04
N PRO A 16 7.06 3.16 25.02
CA PRO A 16 6.10 4.07 25.65
C PRO A 16 6.89 4.93 26.66
N ASP A 17 8.14 4.56 26.94
CA ASP A 17 9.02 5.33 27.88
C ASP A 17 9.59 6.58 27.19
N THR A 18 9.26 6.84 25.91
CA THR A 18 9.63 8.08 25.15
C THR A 18 8.36 8.88 24.78
N ALA A 19 7.19 8.26 24.86
CA ALA A 19 5.92 8.83 24.35
C ALA A 19 5.51 10.05 25.19
N ASN A 20 5.22 11.16 24.51
CA ASN A 20 4.55 12.36 25.07
C ASN A 20 3.18 12.02 25.66
N PRO A 21 2.98 12.32 26.96
CA PRO A 21 1.71 12.09 27.66
C PRO A 21 0.36 12.26 26.95
N TRP A 22 0.30 12.94 25.79
CA TRP A 22 -0.98 13.26 25.08
C TRP A 22 -1.28 12.21 23.99
N LEU A 23 -0.36 11.24 23.86
CA LEU A 23 -0.34 10.22 22.77
C LEU A 23 -0.86 8.88 23.31
N ILE A 24 -1.82 8.29 22.60
CA ILE A 24 -2.36 6.94 22.89
C ILE A 24 -1.66 5.93 21.98
N LEU A 25 -1.16 4.82 22.54
CA LEU A 25 -0.52 3.72 21.77
C LEU A 25 -1.45 2.50 21.67
N SER A 26 -1.55 1.89 20.49
CA SER A 26 -2.07 0.52 20.32
C SER A 26 -1.31 -0.37 21.31
N GLU A 27 -1.96 -1.40 21.84
CA GLU A 27 -1.31 -2.25 22.86
C GLU A 27 -0.17 -3.03 22.18
N ASP A 28 -0.25 -3.22 20.87
CA ASP A 28 0.78 -3.95 20.06
C ASP A 28 2.00 -3.07 19.77
N ARG A 29 1.97 -1.77 20.10
CA ARG A 29 3.07 -0.78 19.85
C ARG A 29 3.24 -0.55 18.34
N ARG A 30 2.16 -0.40 17.58
CA ARG A 30 2.24 -0.30 16.10
C ARG A 30 1.44 0.91 15.60
N GLN A 31 0.51 1.45 16.41
CA GLN A 31 -0.16 2.75 16.14
C GLN A 31 0.20 3.77 17.22
N VAL A 32 -0.22 5.02 17.01
CA VAL A 32 0.01 6.18 17.91
C VAL A 32 -0.76 7.37 17.35
N ARG A 33 -1.53 8.02 18.20
CA ARG A 33 -2.50 9.07 17.84
C ARG A 33 -2.64 10.02 19.04
N LEU A 34 -3.04 11.27 18.80
CA LEU A 34 -3.07 12.33 19.84
C LEU A 34 -4.41 12.27 20.57
N GLY A 35 -4.36 12.13 21.89
CA GLY A 35 -5.54 12.13 22.76
C GLY A 35 -5.90 13.55 23.16
N ASP A 36 -7.20 13.84 23.27
CA ASP A 36 -7.73 15.14 23.77
C ASP A 36 -7.17 15.38 25.17
N THR A 37 -7.33 14.44 26.12
CA THR A 37 -6.80 14.55 27.51
C THR A 37 -5.37 13.96 27.56
N GLN A 38 -4.80 13.87 28.75
CA GLN A 38 -3.36 13.55 28.99
C GLN A 38 -3.27 12.36 29.97
N GLN A 39 -2.14 11.64 29.94
CA GLN A 39 -1.81 10.51 30.84
C GLN A 39 -0.91 11.02 31.98
N SER A 40 -1.07 10.45 33.18
CA SER A 40 -0.33 10.77 34.42
C SER A 40 0.61 9.60 34.73
N ILE A 41 1.80 9.60 34.12
CA ILE A 41 2.72 8.41 34.01
C ILE A 41 4.09 8.80 34.53
N PRO A 42 5.09 7.88 34.60
CA PRO A 42 6.33 8.08 35.36
C PRO A 42 7.18 9.33 35.06
N GLY A 43 8.22 9.55 35.86
CA GLY A 43 9.21 10.63 35.68
C GLY A 43 10.51 10.11 35.07
N ASN A 44 10.50 9.79 33.76
CA ASN A 44 11.64 9.19 33.01
C ASN A 44 12.44 10.28 32.30
N GLU A 45 13.77 10.12 32.26
CA GLU A 45 14.73 11.02 31.58
C GLU A 45 14.64 10.89 30.05
N GLU A 46 13.69 10.09 29.55
CA GLU A 46 13.53 9.65 28.14
C GLU A 46 12.30 10.28 27.50
N ARG A 47 11.24 10.51 28.27
CA ARG A 47 9.95 10.96 27.67
C ARG A 47 10.09 12.38 27.09
N PHE A 48 9.47 12.61 25.92
CA PHE A 48 9.27 13.94 25.28
C PHE A 48 8.13 14.70 25.97
N ASP A 49 8.51 15.80 26.66
CA ASP A 49 7.63 16.65 27.50
C ASP A 49 6.91 17.68 26.63
N SER A 50 7.61 18.16 25.60
CA SER A 50 7.34 19.45 24.93
C SER A 50 6.29 19.25 23.84
N TYR A 51 6.52 18.30 22.94
CA TYR A 51 5.67 18.09 21.72
C TYR A 51 5.27 16.62 21.60
N PRO A 52 4.18 16.31 20.86
CA PRO A 52 3.70 14.93 20.64
C PRO A 52 4.60 13.96 19.83
N MET A 53 5.77 13.62 20.35
CA MET A 53 6.82 12.84 19.66
C MET A 53 7.04 11.49 20.36
N VAL A 54 7.42 10.46 19.60
CA VAL A 54 7.72 9.12 20.18
C VAL A 54 8.78 8.41 19.34
N LEU A 55 9.54 7.54 19.99
CA LEU A 55 10.54 6.72 19.29
C LEU A 55 10.04 5.29 19.21
N GLY A 56 10.87 4.47 18.56
CA GLY A 56 10.76 3.02 18.48
C GLY A 56 11.88 2.43 19.29
N ALA A 57 11.53 1.43 20.09
CA ALA A 57 12.39 0.72 21.04
C ALA A 57 13.71 0.37 20.37
N GLN A 58 13.65 0.14 19.06
CA GLN A 58 14.75 -0.42 18.28
C GLN A 58 15.94 0.54 18.38
N HIS A 59 17.15 -0.01 18.42
CA HIS A 59 18.44 0.73 18.45
C HIS A 59 19.29 0.15 17.32
N PHE A 60 19.72 1.01 16.40
CA PHE A 60 20.60 0.61 15.27
C PHE A 60 21.97 1.19 15.56
N HIS A 61 23.02 0.36 15.54
CA HIS A 61 24.45 0.79 15.66
C HIS A 61 25.17 0.52 14.33
N SER A 62 24.48 -0.08 13.36
CA SER A 62 25.10 -0.61 12.12
C SER A 62 24.03 -1.03 11.13
N GLY A 63 24.48 -1.57 9.98
CA GLY A 63 23.65 -2.25 8.97
C GLY A 63 22.68 -1.29 8.29
N LYS A 64 21.70 -1.85 7.58
CA LYS A 64 20.77 -1.14 6.68
C LYS A 64 19.36 -1.55 7.05
N HIS A 65 18.42 -0.60 7.25
CA HIS A 65 17.14 -0.84 7.95
C HIS A 65 16.03 -0.05 7.28
N TYR A 66 14.95 -0.72 6.92
CA TYR A 66 13.85 -0.14 6.13
C TYR A 66 12.55 -0.40 6.87
N TRP A 67 11.63 0.58 6.90
CA TRP A 67 10.26 0.40 7.46
C TRP A 67 9.30 1.35 6.79
N GLU A 68 8.01 1.13 6.97
CA GLU A 68 6.94 1.88 6.30
C GLU A 68 5.84 2.24 7.32
N VAL A 69 5.17 3.36 7.07
CA VAL A 69 4.27 4.08 8.02
C VAL A 69 3.12 4.56 7.18
N ASP A 70 1.91 4.49 7.69
CA ASP A 70 0.70 4.86 6.91
C ASP A 70 0.24 6.19 7.48
N VAL A 71 -0.28 7.07 6.64
CA VAL A 71 -0.72 8.44 7.02
C VAL A 71 -2.01 8.81 6.26
N THR A 72 -2.82 7.82 5.87
CA THR A 72 -4.15 8.04 5.26
C THR A 72 -5.00 8.98 6.13
N GLY A 73 -5.44 10.11 5.56
CA GLY A 73 -6.36 11.10 6.16
C GLY A 73 -5.71 11.97 7.24
N LYS A 74 -4.42 12.30 7.08
CA LYS A 74 -3.58 12.92 8.14
C LYS A 74 -3.05 14.27 7.68
N GLU A 75 -3.73 15.37 7.99
CA GLU A 75 -3.36 16.72 7.50
C GLU A 75 -1.93 17.12 7.93
N ALA A 76 -1.32 16.44 8.92
CA ALA A 76 0.06 16.71 9.38
C ALA A 76 0.72 15.46 9.98
N TRP A 77 2.04 15.47 10.12
CA TRP A 77 2.83 14.38 10.77
C TRP A 77 4.32 14.65 10.70
N ASP A 78 5.13 13.88 11.40
CA ASP A 78 6.60 13.99 11.30
C ASP A 78 7.22 12.60 11.43
N LEU A 79 7.99 12.15 10.43
CA LEU A 79 8.64 10.80 10.41
C LEU A 79 10.13 10.97 10.21
N GLY A 80 10.93 10.02 10.67
CA GLY A 80 12.36 9.86 10.33
C GLY A 80 13.15 9.17 11.42
N VAL A 81 14.44 9.47 11.54
CA VAL A 81 15.33 8.88 12.59
C VAL A 81 15.90 10.01 13.43
N CYS A 82 16.55 9.66 14.54
CA CYS A 82 17.30 10.60 15.41
C CYS A 82 18.32 9.86 16.28
N ARG A 83 19.34 10.61 16.69
CA ARG A 83 20.33 10.17 17.72
C ARG A 83 19.56 9.88 19.03
N ASP A 84 20.05 8.92 19.83
CA ASP A 84 19.62 8.70 21.25
C ASP A 84 19.87 9.99 22.01
N SER A 85 21.08 10.54 21.86
CA SER A 85 21.63 11.81 22.43
C SER A 85 20.60 12.94 22.49
N VAL A 86 19.75 13.08 21.47
CA VAL A 86 18.75 14.19 21.42
C VAL A 86 18.22 14.35 22.85
N ARG A 87 18.25 15.58 23.34
CA ARG A 87 17.61 15.96 24.62
C ARG A 87 16.10 15.73 24.43
N ARG A 88 15.41 15.19 25.43
CA ARG A 88 13.96 14.86 25.36
C ARG A 88 13.10 15.90 26.11
N LYS A 89 13.74 16.85 26.80
CA LYS A 89 13.05 17.82 27.71
C LYS A 89 13.09 19.25 27.14
N GLY A 90 11.91 19.81 26.84
CA GLY A 90 11.64 21.25 26.67
C GLY A 90 11.96 21.75 25.26
N HIS A 91 11.05 22.59 24.73
CA HIS A 91 11.03 23.19 23.36
C HIS A 91 12.40 23.10 22.66
N PHE A 92 12.44 22.74 21.36
CA PHE A 92 13.64 22.85 20.48
C PHE A 92 13.21 23.02 19.01
N LEU A 93 14.20 23.28 18.14
CA LEU A 93 14.03 23.29 16.67
C LEU A 93 14.43 21.91 16.18
N LEU A 94 13.47 21.26 15.49
CA LEU A 94 13.55 19.93 14.83
C LEU A 94 14.42 20.05 13.56
N SER A 95 15.66 19.53 13.54
CA SER A 95 16.61 19.76 12.41
C SER A 95 17.77 18.78 12.48
N SER A 96 18.43 18.53 11.35
CA SER A 96 19.68 17.73 11.31
C SER A 96 20.59 18.26 12.42
N LYS A 97 20.46 19.54 12.75
CA LYS A 97 21.41 20.28 13.64
C LYS A 97 21.29 19.71 15.06
N SER A 98 20.07 19.49 15.53
CA SER A 98 19.78 18.79 16.80
C SER A 98 20.36 17.37 16.73
N GLY A 99 19.91 16.58 15.77
CA GLY A 99 20.09 15.12 15.81
C GLY A 99 18.84 14.43 15.29
N PHE A 100 18.07 15.10 14.47
CA PHE A 100 16.91 14.57 13.73
C PHE A 100 17.18 14.60 12.22
N TRP A 101 16.90 13.49 11.55
CA TRP A 101 16.90 13.37 10.06
C TRP A 101 15.47 13.05 9.65
N THR A 102 14.60 14.06 9.63
CA THR A 102 13.15 13.86 9.42
C THR A 102 12.62 14.57 8.16
N ILE A 103 11.42 14.20 7.72
CA ILE A 103 10.57 15.05 6.85
C ILE A 103 9.25 15.23 7.61
N TRP A 104 8.36 16.11 7.19
CA TRP A 104 7.08 16.31 7.92
C TRP A 104 6.04 16.91 7.00
N LEU A 105 4.83 17.03 7.55
CA LEU A 105 3.66 17.63 6.86
C LEU A 105 2.89 18.41 7.92
N TRP A 106 2.42 19.61 7.55
CA TRP A 106 1.50 20.50 8.31
C TRP A 106 0.67 21.29 7.30
N ASN A 107 -0.48 21.78 7.76
CA ASN A 107 -1.47 22.42 6.88
C ASN A 107 -1.57 21.56 5.61
N LYS A 108 -2.03 20.31 5.78
CA LYS A 108 -2.64 19.43 4.75
C LYS A 108 -1.73 19.24 3.53
N GLN A 109 -1.42 20.32 2.80
CA GLN A 109 -0.45 20.34 1.67
C GLN A 109 0.58 21.45 1.94
N LYS A 110 1.61 21.10 2.72
CA LYS A 110 2.86 21.86 2.91
C LYS A 110 3.89 20.91 3.50
N TYR A 111 4.50 20.09 2.66
CA TYR A 111 5.54 19.09 3.02
C TYR A 111 6.89 19.79 3.06
N GLU A 112 7.74 19.50 4.05
CA GLU A 112 9.13 20.05 4.06
C GLU A 112 10.06 19.06 4.74
N ALA A 113 11.35 19.20 4.50
CA ALA A 113 12.44 18.36 5.04
C ALA A 113 13.11 19.12 6.19
N GLY A 114 13.57 18.42 7.23
CA GLY A 114 14.19 18.98 8.44
C GLY A 114 15.66 19.23 8.20
N THR A 115 15.94 20.10 7.24
CA THR A 115 17.27 20.70 7.03
C THR A 115 17.34 21.87 7.98
N TYR A 116 18.55 22.32 8.32
CA TYR A 116 18.78 23.60 9.03
C TYR A 116 19.19 24.71 8.07
N PRO A 117 18.36 25.74 7.82
CA PRO A 117 16.93 25.68 8.13
C PRO A 117 16.28 24.69 7.14
N GLN A 118 15.00 24.36 7.38
CA GLN A 118 14.19 23.40 6.59
C GLN A 118 14.20 23.75 5.10
N THR A 119 13.52 22.93 4.28
CA THR A 119 13.57 22.92 2.79
C THR A 119 12.20 22.51 2.24
N PRO A 120 11.37 23.40 1.65
CA PRO A 120 10.08 22.94 1.10
C PRO A 120 10.34 21.81 0.10
N LEU A 121 9.35 20.95 -0.06
CA LEU A 121 9.42 19.76 -0.95
C LEU A 121 8.32 19.89 -2.01
N HIS A 122 8.55 19.37 -3.21
CA HIS A 122 7.57 19.55 -4.32
C HIS A 122 7.16 18.17 -4.83
N LEU A 123 6.01 17.68 -4.35
CA LEU A 123 5.64 16.24 -4.42
C LEU A 123 4.54 16.03 -5.45
N GLN A 124 4.84 15.25 -6.48
CA GLN A 124 3.85 14.88 -7.52
C GLN A 124 2.57 14.30 -6.89
N VAL A 125 2.70 13.42 -5.88
CA VAL A 125 1.58 12.61 -5.30
C VAL A 125 1.62 12.64 -3.77
N PRO A 126 0.57 13.20 -3.11
CA PRO A 126 0.49 13.14 -1.66
C PRO A 126 0.75 11.68 -1.27
N PRO A 127 1.85 11.34 -0.56
CA PRO A 127 2.05 9.97 -0.06
C PRO A 127 0.97 9.56 0.94
N CYS A 128 0.32 8.41 0.70
CA CYS A 128 -0.62 7.70 1.63
C CYS A 128 0.15 6.84 2.61
N GLN A 129 1.26 6.24 2.19
CA GLN A 129 2.25 5.65 3.12
C GLN A 129 3.62 6.17 2.72
N VAL A 130 4.50 6.38 3.70
CA VAL A 130 5.91 6.78 3.49
C VAL A 130 6.82 5.60 3.85
N GLY A 131 7.80 5.28 3.00
CA GLY A 131 8.91 4.35 3.35
C GLY A 131 10.12 5.12 3.83
N ILE A 132 10.71 4.72 4.96
CA ILE A 132 11.96 5.30 5.55
C ILE A 132 13.05 4.23 5.48
N PHE A 133 14.26 4.61 5.11
CA PHE A 133 15.41 3.69 4.91
C PHE A 133 16.70 4.34 5.43
N LEU A 134 17.51 3.60 6.20
CA LEU A 134 18.80 4.03 6.77
C LEU A 134 19.92 3.15 6.23
N ASP A 135 21.12 3.70 6.07
CA ASP A 135 22.37 2.92 5.93
C ASP A 135 23.42 3.60 6.79
N TYR A 136 23.51 3.18 8.06
CA TYR A 136 24.40 3.77 9.10
C TYR A 136 25.79 4.09 8.52
N GLU A 137 26.43 3.07 7.93
CA GLU A 137 27.84 3.15 7.45
C GLU A 137 27.91 4.23 6.38
N ALA A 138 26.90 4.32 5.51
CA ALA A 138 26.79 5.27 4.37
C ALA A 138 26.55 6.70 4.85
N GLY A 139 26.21 6.91 6.11
CA GLY A 139 25.83 8.26 6.61
C GLY A 139 24.50 8.69 6.03
N MET A 140 23.68 7.72 5.59
CA MET A 140 22.48 7.93 4.73
C MET A 140 21.20 7.56 5.46
N VAL A 141 20.12 8.30 5.20
CA VAL A 141 18.70 8.00 5.56
C VAL A 141 17.81 8.71 4.54
N SER A 142 16.95 7.97 3.84
CA SER A 142 16.16 8.44 2.68
C SER A 142 14.69 8.20 2.96
N PHE A 143 13.82 8.99 2.35
CA PHE A 143 12.34 8.90 2.44
C PHE A 143 11.79 8.53 1.04
N TYR A 144 10.92 7.53 0.95
CA TYR A 144 10.35 7.01 -0.34
C TYR A 144 8.84 7.12 -0.32
N ASN A 145 8.27 7.57 -1.43
CA ASN A 145 6.81 7.81 -1.58
C ASN A 145 6.20 6.50 -2.09
N ILE A 146 5.84 5.59 -1.18
CA ILE A 146 5.24 4.27 -1.59
C ILE A 146 4.10 4.51 -2.61
N THR A 147 3.15 5.42 -2.32
CA THR A 147 1.91 5.69 -3.11
C THR A 147 2.19 6.25 -4.53
N ASP A 148 3.46 6.21 -4.98
CA ASP A 148 3.97 6.76 -6.25
C ASP A 148 5.24 5.95 -6.58
N HIS A 149 5.11 4.65 -6.51
CA HIS A 149 6.11 3.67 -6.98
C HIS A 149 7.48 4.03 -6.46
N GLY A 150 7.62 4.02 -5.13
CA GLY A 150 8.88 4.24 -4.38
C GLY A 150 9.67 5.43 -4.89
N SER A 151 9.00 6.55 -5.25
CA SER A 151 9.62 7.85 -5.61
C SER A 151 10.27 8.46 -4.35
N LEU A 152 11.56 8.78 -4.44
CA LEU A 152 12.42 9.44 -3.41
C LEU A 152 11.77 10.77 -3.05
N ILE A 153 11.13 10.85 -1.90
CA ILE A 153 10.62 12.16 -1.40
C ILE A 153 11.83 13.05 -1.11
N TYR A 154 12.94 12.52 -0.59
CA TYR A 154 14.09 13.34 -0.07
C TYR A 154 15.11 12.39 0.56
N SER A 155 16.41 12.68 0.49
CA SER A 155 17.50 11.89 1.15
C SER A 155 18.43 12.82 1.93
N PHE A 156 18.76 12.50 3.20
CA PHE A 156 19.81 13.15 4.02
C PHE A 156 21.09 12.40 3.68
N SER A 157 22.19 13.06 3.35
CA SER A 157 23.48 12.38 3.06
C SER A 157 24.62 13.06 3.82
N GLU A 158 25.78 12.40 3.89
CA GLU A 158 26.88 12.70 4.85
C GLU A 158 26.30 13.21 6.17
N CYS A 159 25.33 12.51 6.76
CA CYS A 159 24.96 12.59 8.20
C CYS A 159 26.18 12.12 8.99
N ALA A 160 26.41 12.65 10.20
CA ALA A 160 27.51 12.23 11.11
C ALA A 160 26.97 11.20 12.11
N PHE A 161 26.82 9.94 11.67
CA PHE A 161 26.27 8.81 12.48
C PHE A 161 27.36 8.30 13.42
N THR A 162 27.27 8.77 14.67
CA THR A 162 28.29 8.63 15.74
C THR A 162 27.76 7.61 16.76
N GLY A 163 26.81 8.04 17.59
CA GLY A 163 26.18 7.19 18.61
C GLY A 163 24.98 6.46 18.02
N PRO A 164 24.22 5.72 18.85
CA PRO A 164 23.13 4.88 18.36
C PRO A 164 21.94 5.73 17.91
N LEU A 165 21.03 5.10 17.16
CA LEU A 165 19.96 5.79 16.39
C LEU A 165 18.62 5.15 16.67
N ARG A 166 17.56 5.98 16.65
CA ARG A 166 16.19 5.61 17.09
C ARG A 166 15.18 6.03 16.02
N PRO A 167 14.22 5.17 15.65
CA PRO A 167 13.08 5.57 14.84
C PRO A 167 12.22 6.67 15.48
N PHE A 168 12.02 7.81 14.81
CA PHE A 168 11.33 9.00 15.35
C PHE A 168 9.96 9.14 14.66
N PHE A 169 8.92 9.58 15.40
CA PHE A 169 7.53 9.72 14.90
C PHE A 169 6.79 10.83 15.61
N SER A 170 5.76 11.38 14.97
CA SER A 170 4.69 12.16 15.62
C SER A 170 3.50 12.19 14.70
N PRO A 171 2.26 12.13 15.24
CA PRO A 171 1.05 12.32 14.46
C PRO A 171 0.68 13.81 14.34
N GLY A 172 1.47 14.69 14.94
CA GLY A 172 1.24 16.15 14.91
C GLY A 172 -0.04 16.54 15.64
N PHE A 173 -0.47 17.80 15.53
CA PHE A 173 -1.58 18.39 16.34
C PHE A 173 -2.93 18.19 15.67
N ASN A 174 -4.01 18.11 16.46
CA ASN A 174 -5.40 17.79 16.03
C ASN A 174 -6.29 19.03 16.04
N ASP A 175 -5.72 20.23 16.07
CA ASP A 175 -6.48 21.50 16.22
C ASP A 175 -7.47 21.60 15.06
N GLY A 176 -7.01 21.41 13.83
CA GLY A 176 -7.83 21.48 12.60
C GLY A 176 -9.10 20.64 12.69
N GLY A 177 -9.15 19.67 13.61
CA GLY A 177 -10.10 18.54 13.63
C GLY A 177 -9.45 17.30 13.01
N LYS A 178 -8.92 17.44 11.80
CA LYS A 178 -8.36 16.35 10.96
C LYS A 178 -6.90 16.06 11.35
N ASN A 179 -6.70 15.57 12.56
CA ASN A 179 -5.48 14.78 12.86
C ASN A 179 -5.80 13.82 14.01
N THR A 180 -6.97 13.19 13.91
CA THR A 180 -7.41 12.09 14.79
C THR A 180 -6.65 10.83 14.37
N ALA A 181 -6.74 10.48 13.09
CA ALA A 181 -6.08 9.32 12.43
C ALA A 181 -4.66 9.11 12.97
N PRO A 182 -4.24 7.86 13.24
CA PRO A 182 -2.90 7.59 13.79
C PRO A 182 -1.88 7.26 12.71
N LEU A 183 -0.62 7.59 12.99
CA LEU A 183 0.54 6.92 12.37
C LEU A 183 0.33 5.42 12.61
N THR A 184 0.21 4.64 11.53
CA THR A 184 0.18 3.15 11.58
C THR A 184 1.42 2.60 10.88
N LEU A 185 2.20 1.78 11.60
CA LEU A 185 3.37 1.06 11.01
C LEU A 185 2.86 -0.07 10.12
N CYS A 186 3.42 -0.20 8.93
CA CYS A 186 2.92 -1.19 7.95
C CYS A 186 3.57 -2.54 8.25
N PRO A 187 2.92 -3.67 7.93
CA PRO A 187 3.51 -4.99 8.19
C PRO A 187 4.48 -5.50 7.11
N LEU A 188 4.34 -5.09 5.85
CA LEU A 188 5.38 -5.37 4.82
C LEU A 188 5.18 -6.78 4.23
N HIS B 6 -6.96 -23.24 -25.52
CA HIS B 6 -7.98 -23.77 -24.55
C HIS B 6 -7.46 -25.07 -23.91
N HIS B 7 -6.40 -25.68 -24.47
CA HIS B 7 -5.82 -26.96 -24.00
C HIS B 7 -4.81 -26.66 -22.89
N HIS B 8 -4.56 -25.38 -22.65
CA HIS B 8 -3.86 -24.90 -21.43
C HIS B 8 -4.87 -24.53 -20.34
N MET B 9 -6.17 -24.88 -20.47
CA MET B 9 -7.23 -24.61 -19.46
C MET B 9 -6.75 -24.82 -17.99
N VAL B 10 -7.38 -24.08 -17.06
CA VAL B 10 -7.08 -24.11 -15.59
C VAL B 10 -8.42 -23.94 -14.86
N HIS B 11 -8.69 -24.82 -13.88
CA HIS B 11 -9.79 -24.67 -12.89
C HIS B 11 -9.30 -23.76 -11.76
N ILE B 12 -10.13 -22.79 -11.42
CA ILE B 12 -9.72 -21.62 -10.62
C ILE B 12 -10.74 -21.41 -9.53
N THR B 13 -10.20 -21.23 -8.30
CA THR B 13 -10.96 -21.00 -7.04
C THR B 13 -10.44 -19.70 -6.42
N LEU B 14 -11.39 -18.82 -6.07
CA LEU B 14 -11.21 -17.54 -5.34
C LEU B 14 -10.80 -17.79 -3.88
N ASP B 15 -9.50 -17.69 -3.55
CA ASP B 15 -8.92 -17.74 -2.16
C ASP B 15 -9.56 -16.70 -1.24
N PRO B 16 -10.47 -17.07 -0.31
CA PRO B 16 -11.36 -16.07 0.28
C PRO B 16 -10.62 -15.35 1.39
N ASP B 17 -9.35 -15.74 1.67
CA ASP B 17 -8.46 -15.03 2.61
C ASP B 17 -7.75 -13.86 1.92
N THR B 18 -8.02 -13.63 0.64
CA THR B 18 -7.56 -12.43 -0.13
C THR B 18 -8.74 -11.45 -0.34
N ALA B 19 -9.96 -11.90 -0.06
CA ALA B 19 -11.20 -11.21 -0.48
C ALA B 19 -11.38 -9.99 0.41
N ASN B 20 -11.42 -8.82 -0.18
CA ASN B 20 -12.00 -7.63 0.48
C ASN B 20 -13.28 -8.02 1.23
N PRO B 21 -13.45 -7.62 2.51
CA PRO B 21 -14.64 -7.98 3.28
C PRO B 21 -15.99 -7.43 2.80
N TRP B 22 -16.04 -6.70 1.67
CA TRP B 22 -17.36 -6.33 1.06
C TRP B 22 -17.76 -7.36 -0.02
N LEU B 23 -16.85 -8.31 -0.30
CA LEU B 23 -16.96 -9.34 -1.36
C LEU B 23 -17.69 -10.58 -0.83
N ILE B 24 -18.70 -11.04 -1.58
CA ILE B 24 -19.48 -12.30 -1.35
C ILE B 24 -19.06 -13.31 -2.42
N LEU B 25 -18.52 -14.46 -1.99
CA LEU B 25 -18.21 -15.62 -2.86
C LEU B 25 -19.31 -16.69 -2.70
N SER B 26 -19.99 -17.08 -3.78
CA SER B 26 -20.74 -18.36 -3.95
C SER B 26 -19.97 -19.46 -3.21
N GLU B 27 -20.66 -20.48 -2.70
CA GLU B 27 -20.04 -21.51 -1.82
C GLU B 27 -18.94 -22.28 -2.59
N ASP B 28 -18.99 -22.36 -3.93
CA ASP B 28 -18.03 -23.16 -4.76
C ASP B 28 -16.79 -22.33 -5.13
N ARG B 29 -16.75 -21.03 -4.82
CA ARG B 29 -15.59 -20.15 -5.05
C ARG B 29 -15.39 -19.97 -6.56
N ARG B 30 -16.48 -19.99 -7.33
CA ARG B 30 -16.46 -19.82 -8.81
C ARG B 30 -17.16 -18.51 -9.17
N GLN B 31 -17.68 -17.81 -8.17
CA GLN B 31 -18.49 -16.58 -8.35
C GLN B 31 -18.09 -15.60 -7.28
N VAL B 32 -18.27 -14.30 -7.56
CA VAL B 32 -17.98 -13.19 -6.60
C VAL B 32 -18.81 -11.98 -6.96
N ARG B 33 -19.45 -11.40 -5.96
CA ARG B 33 -20.14 -10.09 -6.06
C ARG B 33 -19.54 -9.13 -5.03
N LEU B 34 -20.03 -7.90 -5.08
CA LEU B 34 -19.90 -6.86 -4.04
C LEU B 34 -21.21 -6.85 -3.29
N GLY B 35 -21.17 -7.34 -2.05
CA GLY B 35 -22.24 -7.18 -1.06
C GLY B 35 -22.24 -5.77 -0.54
N ASP B 36 -23.40 -5.30 -0.06
CA ASP B 36 -23.65 -3.93 0.44
C ASP B 36 -23.32 -3.80 1.94
N THR B 37 -22.59 -4.76 2.54
CA THR B 37 -22.24 -4.75 3.98
C THR B 37 -20.85 -5.32 4.23
N GLN B 38 -20.22 -4.90 5.33
CA GLN B 38 -18.90 -5.43 5.76
C GLN B 38 -19.10 -6.80 6.44
N GLN B 39 -18.55 -7.87 5.85
CA GLN B 39 -18.52 -9.24 6.44
C GLN B 39 -17.37 -9.30 7.45
N SER B 40 -17.52 -10.13 8.49
CA SER B 40 -16.62 -10.18 9.68
C SER B 40 -15.83 -11.50 9.70
N ILE B 41 -14.56 -11.42 9.29
CA ILE B 41 -13.66 -12.57 8.99
C ILE B 41 -12.33 -12.27 9.67
N PRO B 42 -11.30 -13.15 9.64
CA PRO B 42 -10.09 -12.95 10.44
C PRO B 42 -9.22 -11.81 9.87
N GLY B 43 -8.52 -11.08 10.75
CA GLY B 43 -7.45 -10.16 10.36
C GLY B 43 -6.47 -10.92 9.49
N ASN B 44 -5.73 -10.26 8.60
CA ASN B 44 -5.11 -10.98 7.48
C ASN B 44 -4.03 -10.14 6.78
N GLU B 45 -2.86 -10.73 6.59
CA GLU B 45 -1.71 -10.11 5.88
C GLU B 45 -1.87 -10.29 4.36
N GLU B 46 -2.95 -10.94 3.93
CA GLU B 46 -3.21 -11.28 2.51
C GLU B 46 -4.40 -10.49 1.97
N ARG B 47 -5.32 -10.10 2.82
CA ARG B 47 -6.59 -9.48 2.40
C ARG B 47 -6.38 -8.07 1.85
N PHE B 48 -7.10 -7.70 0.78
CA PHE B 48 -7.19 -6.34 0.20
C PHE B 48 -8.16 -5.48 1.05
N ASP B 49 -7.66 -4.41 1.67
CA ASP B 49 -8.44 -3.55 2.60
C ASP B 49 -9.16 -2.45 1.83
N SER B 50 -8.50 -1.88 0.81
CA SER B 50 -8.90 -0.61 0.13
C SER B 50 -9.97 -0.82 -0.98
N TYR B 51 -9.77 -1.75 -1.91
CA TYR B 51 -10.75 -1.88 -3.03
C TYR B 51 -11.33 -3.29 -2.97
N PRO B 52 -12.41 -3.58 -3.74
CA PRO B 52 -13.00 -4.91 -3.76
C PRO B 52 -12.29 -5.86 -4.74
N MET B 53 -11.12 -6.37 -4.33
CA MET B 53 -10.23 -7.25 -5.12
C MET B 53 -10.00 -8.59 -4.41
N VAL B 54 -10.04 -9.69 -5.18
CA VAL B 54 -9.77 -11.07 -4.68
C VAL B 54 -8.75 -11.75 -5.59
N LEU B 55 -7.92 -12.63 -5.04
CA LEU B 55 -7.05 -13.47 -5.88
C LEU B 55 -7.76 -14.82 -6.08
N GLY B 56 -7.03 -15.73 -6.72
CA GLY B 56 -7.35 -17.14 -6.83
C GLY B 56 -6.21 -17.89 -6.20
N ALA B 57 -6.57 -18.89 -5.40
CA ALA B 57 -5.68 -19.74 -4.60
C ALA B 57 -4.43 -20.14 -5.40
N GLN B 58 -4.56 -20.19 -6.72
CA GLN B 58 -3.61 -20.92 -7.60
C GLN B 58 -2.34 -20.08 -7.65
N HIS B 59 -1.19 -20.69 -7.44
CA HIS B 59 0.11 -20.01 -7.68
C HIS B 59 0.72 -20.60 -8.96
N PHE B 60 0.83 -19.79 -10.02
CA PHE B 60 1.66 -20.17 -11.20
C PHE B 60 3.10 -19.76 -10.93
N HIS B 61 4.01 -20.74 -11.03
CA HIS B 61 5.48 -20.56 -10.96
C HIS B 61 6.07 -20.80 -12.36
N SER B 62 5.29 -21.37 -13.29
CA SER B 62 5.73 -21.65 -14.68
C SER B 62 4.55 -22.06 -15.57
N GLY B 63 4.84 -22.22 -16.86
CA GLY B 63 3.98 -22.93 -17.82
C GLY B 63 2.85 -22.06 -18.33
N LYS B 64 2.01 -22.63 -19.19
CA LYS B 64 0.96 -21.90 -19.94
C LYS B 64 -0.36 -22.17 -19.24
N HIS B 65 -1.22 -21.16 -19.08
CA HIS B 65 -2.39 -21.15 -18.14
C HIS B 65 -3.48 -20.24 -18.71
N TYR B 66 -4.56 -20.82 -19.19
CA TYR B 66 -5.70 -20.13 -19.82
C TYR B 66 -6.86 -20.16 -18.84
N TRP B 67 -7.82 -19.24 -18.93
CA TRP B 67 -9.09 -19.30 -18.17
C TRP B 67 -10.03 -18.22 -18.68
N GLU B 68 -11.24 -18.17 -18.15
CA GLU B 68 -12.36 -17.47 -18.81
C GLU B 68 -13.34 -17.03 -17.75
N VAL B 69 -13.90 -15.85 -17.91
CA VAL B 69 -14.73 -15.22 -16.87
C VAL B 69 -15.92 -14.64 -17.59
N ASP B 70 -17.07 -14.70 -16.95
CA ASP B 70 -18.32 -14.22 -17.57
C ASP B 70 -18.55 -12.88 -16.90
N VAL B 71 -19.05 -11.89 -17.65
CA VAL B 71 -19.18 -10.49 -17.16
C VAL B 71 -20.51 -9.88 -17.60
N THR B 72 -21.46 -10.72 -18.05
CA THR B 72 -22.81 -10.33 -18.53
C THR B 72 -23.45 -9.42 -17.47
N GLY B 73 -24.14 -8.34 -17.90
CA GLY B 73 -24.92 -7.43 -17.04
C GLY B 73 -24.05 -6.43 -16.26
N LYS B 74 -22.73 -6.56 -16.36
CA LYS B 74 -21.79 -5.75 -15.58
C LYS B 74 -21.45 -4.47 -16.32
N GLU B 75 -21.43 -3.34 -15.60
CA GLU B 75 -21.02 -2.00 -16.11
C GLU B 75 -19.53 -1.80 -15.89
N ALA B 76 -18.88 -2.55 -15.00
CA ALA B 76 -17.45 -2.35 -14.61
C ALA B 76 -16.86 -3.63 -14.00
N TRP B 77 -15.53 -3.79 -14.09
CA TRP B 77 -14.84 -5.02 -13.62
C TRP B 77 -13.36 -4.95 -13.97
N ASP B 78 -12.55 -5.74 -13.28
CA ASP B 78 -11.10 -5.79 -13.54
C ASP B 78 -10.66 -7.26 -13.39
N LEU B 79 -9.81 -7.72 -14.31
CA LEU B 79 -9.37 -9.13 -14.46
C LEU B 79 -7.92 -9.03 -14.87
N GLY B 80 -7.09 -10.02 -14.60
CA GLY B 80 -5.70 -10.12 -15.11
C GLY B 80 -4.89 -11.06 -14.24
N VAL B 81 -3.62 -10.75 -14.02
CA VAL B 81 -2.75 -11.45 -13.04
C VAL B 81 -1.90 -10.41 -12.30
N CYS B 82 -1.28 -10.85 -11.22
CA CYS B 82 -0.45 -10.00 -10.35
C CYS B 82 0.57 -10.90 -9.69
N ARG B 83 1.74 -10.37 -9.33
CA ARG B 83 2.75 -11.08 -8.51
C ARG B 83 2.08 -11.44 -7.17
N ASP B 84 2.60 -12.46 -6.48
CA ASP B 84 2.15 -12.82 -5.12
C ASP B 84 2.31 -11.60 -4.19
N SER B 85 3.39 -10.85 -4.44
CA SER B 85 3.94 -9.76 -3.61
C SER B 85 3.32 -8.41 -3.93
N VAL B 86 2.22 -8.30 -4.65
CA VAL B 86 1.53 -6.99 -4.70
C VAL B 86 1.26 -6.59 -3.26
N ARG B 87 1.39 -5.31 -2.92
CA ARG B 87 0.91 -4.78 -1.62
C ARG B 87 -0.58 -5.06 -1.56
N ARG B 88 -1.11 -5.40 -0.39
CA ARG B 88 -2.53 -5.81 -0.17
C ARG B 88 -3.33 -4.74 0.62
N LYS B 89 -2.58 -3.89 1.33
CA LYS B 89 -3.06 -2.92 2.37
C LYS B 89 -2.86 -1.46 1.87
N GLY B 90 -3.90 -0.61 2.02
CA GLY B 90 -3.87 0.83 1.67
C GLY B 90 -4.23 1.11 0.21
N HIS B 91 -4.13 2.38 -0.23
CA HIS B 91 -4.53 2.87 -1.58
C HIS B 91 -3.34 2.77 -2.51
N PHE B 92 -3.59 2.50 -3.81
CA PHE B 92 -2.55 2.37 -4.86
C PHE B 92 -3.19 2.55 -6.25
N LEU B 93 -2.31 2.71 -7.25
CA LEU B 93 -2.70 2.81 -8.68
C LEU B 93 -2.47 1.43 -9.28
N LEU B 94 -3.56 0.79 -9.70
CA LEU B 94 -3.57 -0.51 -10.39
C LEU B 94 -2.87 -0.31 -11.74
N SER B 95 -1.74 -0.97 -12.02
CA SER B 95 -0.89 -0.71 -13.21
C SER B 95 0.20 -1.76 -13.28
N SER B 96 0.75 -2.00 -14.47
CA SER B 96 1.89 -2.93 -14.66
C SER B 96 3.08 -2.47 -13.82
N LYS B 97 3.10 -1.21 -13.36
CA LYS B 97 4.26 -0.66 -12.61
C LYS B 97 4.25 -1.17 -11.16
N SER B 98 3.07 -1.53 -10.68
CA SER B 98 2.74 -1.94 -9.30
C SER B 98 2.70 -3.49 -9.21
N GLY B 99 2.90 -4.18 -10.34
CA GLY B 99 2.86 -5.67 -10.48
C GLY B 99 1.53 -6.22 -10.98
N PHE B 100 0.78 -5.51 -11.80
CA PHE B 100 -0.57 -5.95 -12.21
C PHE B 100 -0.66 -5.93 -13.74
N TRP B 101 -1.01 -7.08 -14.31
CA TRP B 101 -1.23 -7.23 -15.76
C TRP B 101 -2.73 -7.33 -15.99
N THR B 102 -3.44 -6.21 -16.02
CA THR B 102 -4.93 -6.21 -16.06
C THR B 102 -5.52 -5.32 -17.19
N ILE B 103 -6.73 -5.65 -17.61
CA ILE B 103 -7.63 -4.73 -18.36
C ILE B 103 -8.81 -4.46 -17.44
N TRP B 104 -9.69 -3.51 -17.74
CA TRP B 104 -10.87 -3.29 -16.89
C TRP B 104 -11.90 -2.53 -17.68
N LEU B 105 -13.08 -2.38 -17.11
CA LEU B 105 -14.18 -1.54 -17.64
C LEU B 105 -14.67 -0.69 -16.47
N TRP B 106 -14.93 0.60 -16.71
CA TRP B 106 -15.65 1.49 -15.75
C TRP B 106 -16.53 2.49 -16.52
N ASN B 107 -17.50 3.07 -15.82
CA ASN B 107 -18.35 4.19 -16.28
C ASN B 107 -19.26 3.68 -17.38
N LYS B 108 -19.30 2.35 -17.55
CA LYS B 108 -19.85 1.67 -18.77
C LYS B 108 -19.00 2.09 -19.98
N GLN B 109 -19.25 1.52 -21.17
CA GLN B 109 -18.54 1.84 -22.45
C GLN B 109 -17.02 1.63 -22.33
N LYS B 110 -16.35 2.22 -21.32
CA LYS B 110 -14.92 2.65 -21.38
C LYS B 110 -13.97 1.53 -20.93
N TYR B 111 -13.53 0.67 -21.87
CA TYR B 111 -12.54 -0.40 -21.60
C TYR B 111 -11.17 0.26 -21.61
N GLU B 112 -10.19 -0.26 -20.86
CA GLU B 112 -8.81 0.28 -20.79
C GLU B 112 -7.84 -0.83 -20.39
N ALA B 113 -6.53 -0.66 -20.61
CA ALA B 113 -5.46 -1.61 -20.22
C ALA B 113 -4.53 -0.99 -19.16
N GLY B 114 -4.16 -1.77 -18.13
CA GLY B 114 -3.36 -1.35 -16.97
C GLY B 114 -1.90 -1.19 -17.32
N THR B 115 -1.61 -0.42 -18.38
CA THR B 115 -0.29 0.23 -18.61
C THR B 115 -0.15 1.39 -17.63
N TYR B 116 1.05 1.96 -17.49
CA TYR B 116 1.30 3.18 -16.67
C TYR B 116 1.72 4.39 -17.52
N PRO B 117 0.87 5.42 -17.73
CA PRO B 117 -0.56 5.37 -17.44
C PRO B 117 -1.33 4.50 -18.44
N GLN B 118 -2.64 4.42 -18.25
CA GLN B 118 -3.48 3.36 -18.84
C GLN B 118 -3.60 3.68 -20.32
N THR B 119 -3.80 2.65 -21.13
CA THR B 119 -4.09 2.72 -22.60
C THR B 119 -5.58 2.52 -22.79
N PRO B 120 -6.31 3.48 -23.39
CA PRO B 120 -7.73 3.27 -23.68
C PRO B 120 -7.82 2.26 -24.84
N LEU B 121 -8.75 1.32 -24.79
CA LEU B 121 -8.81 0.22 -25.79
C LEU B 121 -10.02 0.45 -26.70
N HIS B 122 -9.92 0.06 -27.96
CA HIS B 122 -11.01 0.22 -28.97
C HIS B 122 -11.38 -1.21 -29.45
N LEU B 123 -12.61 -1.61 -29.13
CA LEU B 123 -13.10 -2.99 -29.22
C LEU B 123 -14.28 -3.00 -30.19
N GLN B 124 -14.39 -3.99 -31.06
CA GLN B 124 -15.56 -4.07 -31.97
C GLN B 124 -16.80 -4.45 -31.16
N VAL B 125 -16.75 -5.56 -30.41
CA VAL B 125 -17.92 -6.14 -29.69
C VAL B 125 -17.68 -6.08 -28.20
N PRO B 126 -18.63 -5.49 -27.43
CA PRO B 126 -18.51 -5.40 -25.97
C PRO B 126 -18.53 -6.80 -25.37
N PRO B 127 -17.43 -7.26 -24.74
CA PRO B 127 -17.34 -8.65 -24.28
C PRO B 127 -18.38 -9.05 -23.21
N CYS B 128 -18.79 -10.31 -23.26
CA CYS B 128 -19.73 -10.93 -22.29
C CYS B 128 -19.01 -12.06 -21.56
N GLN B 129 -17.98 -12.65 -22.18
CA GLN B 129 -16.95 -13.45 -21.51
C GLN B 129 -15.61 -12.89 -21.94
N VAL B 130 -14.64 -12.93 -21.03
CA VAL B 130 -13.23 -12.61 -21.33
C VAL B 130 -12.40 -13.89 -21.18
N GLY B 131 -11.45 -14.08 -22.09
CA GLY B 131 -10.39 -15.08 -21.94
C GLY B 131 -9.17 -14.38 -21.43
N ILE B 132 -8.55 -14.93 -20.39
CA ILE B 132 -7.23 -14.50 -19.84
C ILE B 132 -6.27 -15.65 -20.06
N PHE B 133 -5.11 -15.41 -20.67
CA PHE B 133 -4.08 -16.41 -21.00
C PHE B 133 -2.76 -15.89 -20.44
N LEU B 134 -1.85 -16.75 -20.01
CA LEU B 134 -0.55 -16.36 -19.40
C LEU B 134 0.54 -17.33 -19.88
N ASP B 135 1.77 -16.87 -20.07
CA ASP B 135 2.89 -17.71 -20.59
C ASP B 135 4.16 -17.28 -19.86
N TYR B 136 4.38 -17.86 -18.70
CA TYR B 136 5.43 -17.43 -17.75
C TYR B 136 6.77 -17.29 -18.47
N GLU B 137 7.16 -18.22 -19.33
CA GLU B 137 8.53 -18.20 -19.95
C GLU B 137 8.59 -17.04 -20.95
N ALA B 138 7.59 -16.97 -21.84
CA ALA B 138 7.44 -15.91 -22.86
C ALA B 138 7.29 -14.53 -22.19
N GLY B 139 7.26 -14.47 -20.86
CA GLY B 139 6.82 -13.28 -20.11
C GLY B 139 5.65 -12.58 -20.78
N MET B 140 4.54 -13.30 -21.03
CA MET B 140 3.32 -12.75 -21.69
C MET B 140 2.06 -13.05 -20.86
N VAL B 141 1.07 -12.15 -20.89
CA VAL B 141 -0.33 -12.39 -20.47
C VAL B 141 -1.28 -11.57 -21.35
N SER B 142 -2.26 -12.24 -22.00
CA SER B 142 -3.07 -11.68 -23.11
C SER B 142 -4.55 -11.89 -22.81
N PHE B 143 -5.42 -11.00 -23.30
CA PHE B 143 -6.88 -11.01 -23.06
C PHE B 143 -7.63 -11.25 -24.38
N TYR B 144 -8.75 -11.97 -24.37
CA TYR B 144 -9.46 -12.31 -25.62
C TYR B 144 -10.96 -12.10 -25.47
N ASN B 145 -11.55 -11.44 -26.46
CA ASN B 145 -12.99 -11.10 -26.47
C ASN B 145 -13.66 -12.35 -27.01
N ILE B 146 -14.10 -13.21 -26.10
CA ILE B 146 -14.83 -14.47 -26.39
C ILE B 146 -16.08 -14.21 -27.24
N THR B 147 -16.76 -13.08 -27.08
CA THR B 147 -18.03 -12.78 -27.80
C THR B 147 -17.74 -12.42 -29.29
N ASP B 148 -16.47 -12.25 -29.70
CA ASP B 148 -16.02 -11.81 -31.05
C ASP B 148 -14.88 -12.72 -31.53
N HIS B 149 -15.05 -14.03 -31.40
CA HIS B 149 -14.22 -15.06 -32.07
C HIS B 149 -12.83 -15.06 -31.46
N GLY B 150 -12.71 -14.68 -30.20
CA GLY B 150 -11.40 -14.71 -29.53
C GLY B 150 -10.48 -13.69 -30.15
N SER B 151 -11.06 -12.53 -30.48
CA SER B 151 -10.35 -11.29 -30.86
C SER B 151 -9.46 -10.89 -29.68
N LEU B 152 -8.18 -10.62 -29.95
CA LEU B 152 -7.19 -10.14 -28.97
C LEU B 152 -7.60 -8.74 -28.52
N ILE B 153 -7.77 -8.55 -27.22
CA ILE B 153 -8.22 -7.28 -26.61
C ILE B 153 -6.95 -6.47 -26.41
N TYR B 154 -5.97 -7.04 -25.73
CA TYR B 154 -4.69 -6.37 -25.42
C TYR B 154 -3.70 -7.45 -24.98
N SER B 155 -2.42 -7.20 -25.11
CA SER B 155 -1.39 -8.16 -24.63
C SER B 155 -0.23 -7.39 -23.94
N PHE B 156 0.02 -7.68 -22.65
CA PHE B 156 1.30 -7.35 -21.95
C PHE B 156 2.36 -8.31 -22.48
N SER B 157 3.59 -7.84 -22.72
CA SER B 157 4.73 -8.66 -23.19
C SER B 157 6.05 -8.10 -22.63
N GLU B 158 7.16 -8.76 -22.97
CA GLU B 158 8.50 -8.47 -22.39
C GLU B 158 8.37 -8.43 -20.87
N CYS B 159 7.45 -9.20 -20.27
CA CYS B 159 7.03 -8.98 -18.85
C CYS B 159 8.12 -9.44 -17.87
N ALA B 160 9.01 -10.36 -18.28
CA ALA B 160 10.22 -10.84 -17.56
C ALA B 160 9.91 -11.40 -16.15
N PHE B 161 8.90 -12.28 -16.05
CA PHE B 161 8.30 -12.75 -14.78
C PHE B 161 9.41 -13.28 -13.88
N THR B 162 9.40 -12.91 -12.59
CA THR B 162 10.48 -13.31 -11.63
C THR B 162 9.94 -14.38 -10.65
N GLY B 163 8.93 -14.06 -9.80
CA GLY B 163 8.39 -14.95 -8.74
C GLY B 163 6.99 -15.48 -9.05
N PRO B 164 6.33 -16.25 -8.15
CA PRO B 164 4.96 -16.69 -8.39
C PRO B 164 3.96 -15.58 -8.77
N LEU B 165 2.96 -15.96 -9.58
CA LEU B 165 1.88 -15.13 -10.17
C LEU B 165 0.55 -15.67 -9.67
N ARG B 166 -0.49 -14.82 -9.61
CA ARG B 166 -1.80 -15.11 -8.96
C ARG B 166 -2.92 -14.58 -9.82
N PRO B 167 -3.97 -15.35 -10.15
CA PRO B 167 -5.09 -14.80 -10.91
C PRO B 167 -5.64 -13.59 -10.14
N PHE B 168 -6.07 -12.53 -10.84
CA PHE B 168 -6.64 -11.34 -10.17
C PHE B 168 -7.99 -11.00 -10.79
N PHE B 169 -8.94 -10.60 -9.95
CA PHE B 169 -10.34 -10.26 -10.31
C PHE B 169 -10.78 -9.08 -9.47
N SER B 170 -11.88 -8.45 -9.88
CA SER B 170 -12.71 -7.55 -9.04
C SER B 170 -13.99 -7.27 -9.78
N PRO B 171 -15.16 -7.37 -9.12
CA PRO B 171 -16.41 -7.05 -9.77
C PRO B 171 -16.54 -5.53 -9.80
N GLY B 172 -15.54 -4.82 -9.23
CA GLY B 172 -15.46 -3.36 -9.13
C GLY B 172 -16.59 -2.75 -8.32
N PHE B 173 -16.56 -1.44 -8.11
CA PHE B 173 -17.53 -0.78 -7.20
C PHE B 173 -18.88 -0.79 -7.88
N ASN B 174 -19.94 -0.54 -7.10
CA ASN B 174 -21.33 -0.39 -7.57
C ASN B 174 -21.97 0.89 -7.02
N ASP B 175 -21.35 2.04 -7.25
CA ASP B 175 -21.98 3.36 -6.98
C ASP B 175 -22.81 3.69 -8.23
N GLY B 176 -24.11 3.94 -8.07
CA GLY B 176 -25.10 3.99 -9.18
C GLY B 176 -26.01 2.77 -9.22
N GLY B 177 -25.71 1.77 -8.35
CA GLY B 177 -26.54 0.58 -8.04
C GLY B 177 -26.96 -0.18 -9.30
N LYS B 178 -26.01 -0.54 -10.16
CA LYS B 178 -26.29 -1.11 -11.49
C LYS B 178 -25.15 -2.03 -11.92
N ASN B 179 -24.30 -2.44 -10.98
CA ASN B 179 -23.12 -3.30 -11.28
C ASN B 179 -23.17 -4.52 -10.35
N THR B 180 -24.33 -4.79 -9.74
CA THR B 180 -24.53 -5.84 -8.72
C THR B 180 -23.98 -7.18 -9.22
N ALA B 181 -24.15 -7.52 -10.50
CA ALA B 181 -24.01 -8.91 -11.02
C ALA B 181 -22.62 -9.45 -10.71
N PRO B 182 -22.49 -10.77 -10.48
CA PRO B 182 -21.20 -11.34 -10.08
C PRO B 182 -20.32 -11.60 -11.30
N LEU B 183 -19.01 -11.58 -11.11
CA LEU B 183 -18.09 -12.27 -12.03
C LEU B 183 -18.35 -13.77 -11.87
N THR B 184 -18.44 -14.51 -12.97
CA THR B 184 -18.61 -15.97 -12.95
C THR B 184 -17.45 -16.62 -13.71
N LEU B 185 -16.64 -17.44 -13.04
CA LEU B 185 -15.62 -18.31 -13.70
C LEU B 185 -16.33 -19.46 -14.41
N CYS B 186 -16.01 -19.65 -15.70
CA CYS B 186 -16.66 -20.58 -16.67
C CYS B 186 -16.03 -21.96 -16.62
N PRO B 187 -16.84 -23.02 -16.72
CA PRO B 187 -16.38 -24.40 -16.53
C PRO B 187 -15.35 -24.91 -17.54
N LEU B 188 -15.52 -24.61 -18.82
CA LEU B 188 -14.58 -25.08 -19.87
C LEU B 188 -14.87 -26.56 -20.19
#